data_2PIS
#
_entry.id   2PIS
#
_cell.length_a   146.025
_cell.length_b   146.025
_cell.length_c   93.140
_cell.angle_alpha   90.00
_cell.angle_beta   90.00
_cell.angle_gamma   90.00
#
_symmetry.space_group_name_H-M   'I 41 2 2'
#
loop_
_entity.id
_entity.type
_entity.pdbx_description
1 polymer "DNA (5'-D(*CP*GP*(CBR)P*GP*AP*AP*(FFD)P*TP*TP*CP*GP*CP*G)-3')"
2 non-polymer 'MAGNESIUM ION'
#
_entity_poly.entity_id   1
_entity_poly.type   'polydeoxyribonucleotide'
_entity_poly.pdbx_seq_one_letter_code
;(DC)(DG)(CBR)(DG)(DA)(DA)(FFD)(DT)(DT)(DC)(DG)(DC)(DG)
;
_entity_poly.pdbx_strand_id   A,B,C,D,E,F,G,H,I,J,K,L
#